data_7YF4
#
_entry.id   7YF4
#
_cell.length_a   142.387
_cell.length_b   43.213
_cell.length_c   106.231
_cell.angle_alpha   90.000
_cell.angle_beta   122.770
_cell.angle_gamma   90.000
#
_symmetry.space_group_name_H-M   'C 1 2 1'
#
loop_
_entity.id
_entity.type
_entity.pdbx_description
1 polymer 'Protein-L-histidine N-pros-methyltransferase'
2 polymer 'SLC39A5 mutant peptide'
3 non-polymer S-ADENOSYL-L-HOMOCYSTEINE
4 water water
#
loop_
_entity_poly.entity_id
_entity_poly.type
_entity_poly.pdbx_seq_one_letter_code
_entity_poly.pdbx_strand_id
1 'polypeptide(L)'
;HMAAGGRKENHQWYVCNREKLCESLQAVFVQSYLDQGTQIFLNNSIEKSGWAAIQAYHSAVSSAFSLAMSRTSINGLLGR
GSMFVFSPDQFQRLLKINPDWKTHRLLDLGAGDGEVTKIMSPHFEEIYATELSETMIWQLQKKKYRVLGINEWQNTGFQY
DVISCLNLLDRCDQPLTLLKDIRSVLEPTRGRVILALVLPFHPYVENVGGKWEKPSEILEIKGQNWEEQVNSLPEVFRKA
GFVIEAFTRLPYLCEGDMYNDYYVLDDAVFVLKPV
;
A,B
2 'polypeptide(L)' GHQGHAHGHQGG C,D
#
# COMPACT_ATOMS: atom_id res chain seq x y z
N HIS A 11 -22.03 17.57 28.50
CA HIS A 11 -21.35 16.31 28.75
C HIS A 11 -19.88 16.55 29.05
N GLN A 12 -19.24 15.55 29.68
CA GLN A 12 -17.85 15.65 30.11
C GLN A 12 -16.86 15.49 28.96
N TRP A 13 -17.34 15.39 27.72
CA TRP A 13 -16.47 15.25 26.56
C TRP A 13 -16.10 16.57 25.91
N TYR A 14 -16.94 17.60 26.05
CA TYR A 14 -16.79 18.84 25.30
C TYR A 14 -16.32 20.00 26.14
N VAL A 15 -16.00 19.78 27.42
CA VAL A 15 -15.81 20.86 28.38
C VAL A 15 -14.35 20.90 28.78
N CYS A 16 -13.75 22.08 28.70
CA CYS A 16 -12.39 22.29 29.16
C CYS A 16 -12.40 23.48 30.11
N ASN A 17 -11.46 23.48 31.05
CA ASN A 17 -11.24 24.65 31.89
C ASN A 17 -10.60 25.72 31.03
N ARG A 18 -11.43 26.63 30.51
CA ARG A 18 -10.91 27.71 29.67
C ARG A 18 -9.89 28.55 30.42
N GLU A 19 -10.01 28.63 31.76
CA GLU A 19 -9.09 29.46 32.52
C GLU A 19 -7.66 28.98 32.41
N LYS A 20 -7.45 27.67 32.21
CA LYS A 20 -6.12 27.11 32.04
C LYS A 20 -5.66 27.12 30.59
N LEU A 21 -6.33 27.89 29.72
CA LEU A 21 -5.86 28.10 28.36
C LEU A 21 -5.08 29.41 28.31
N CYS A 22 -4.16 29.50 27.35
CA CYS A 22 -3.36 30.70 27.21
C CYS A 22 -4.16 31.82 26.54
N GLU A 23 -3.60 33.03 26.58
CA GLU A 23 -4.32 34.19 26.06
C GLU A 23 -4.63 34.05 24.58
N SER A 24 -3.68 33.50 23.81
CA SER A 24 -3.93 33.23 22.40
C SER A 24 -5.10 32.26 22.23
N LEU A 25 -5.11 31.17 23.02
CA LEU A 25 -6.11 30.12 22.85
C LEU A 25 -7.44 30.43 23.53
N GLN A 26 -7.47 31.32 24.52
CA GLN A 26 -8.75 31.67 25.11
C GLN A 26 -9.63 32.44 24.14
N ALA A 27 -9.04 33.06 23.13
CA ALA A 27 -9.78 33.85 22.17
C ALA A 27 -10.30 33.04 20.98
N VAL A 28 -9.74 31.86 20.71
CA VAL A 28 -10.09 31.06 19.54
C VAL A 28 -10.84 29.79 19.91
N PHE A 29 -11.02 29.51 21.20
CA PHE A 29 -11.80 28.33 21.59
C PHE A 29 -13.25 28.47 21.12
N VAL A 30 -13.82 27.36 20.68
CA VAL A 30 -15.19 27.27 20.18
C VAL A 30 -15.83 26.11 20.93
N GLN A 31 -16.75 26.42 21.84
CA GLN A 31 -17.42 25.35 22.58
C GLN A 31 -18.19 24.44 21.63
N SER A 32 -18.09 23.13 21.88
CA SER A 32 -18.83 22.11 21.14
C SER A 32 -19.90 21.51 22.05
N TYR A 33 -20.78 20.72 21.44
CA TYR A 33 -21.96 20.23 22.15
C TYR A 33 -22.29 18.83 21.65
N LEU A 34 -22.90 18.03 22.54
CA LEU A 34 -23.38 16.71 22.15
C LEU A 34 -24.63 16.89 21.31
N ASP A 35 -24.48 16.90 19.99
CA ASP A 35 -25.59 17.26 19.13
C ASP A 35 -26.28 16.01 18.60
N GLN A 36 -27.25 16.24 17.72
CA GLN A 36 -28.06 15.14 17.23
C GLN A 36 -27.28 14.25 16.27
N GLY A 37 -26.17 14.74 15.71
CA GLY A 37 -25.37 13.93 14.80
C GLY A 37 -24.39 13.00 15.51
N THR A 38 -23.86 13.42 16.65
CA THR A 38 -23.11 12.49 17.50
C THR A 38 -24.03 11.43 18.09
N GLN A 39 -25.31 11.75 18.28
CA GLN A 39 -26.22 10.78 18.86
C GLN A 39 -26.62 9.70 17.86
N ILE A 40 -26.77 10.07 16.58
CA ILE A 40 -26.99 9.03 15.56
C ILE A 40 -25.87 8.01 15.58
N PHE A 41 -24.64 8.46 15.85
CA PHE A 41 -23.48 7.58 15.78
C PHE A 41 -23.48 6.58 16.94
N LEU A 42 -23.59 7.08 18.18
CA LEU A 42 -23.70 6.17 19.32
C LEU A 42 -24.84 5.18 19.13
N ASN A 43 -25.98 5.66 18.62
CA ASN A 43 -27.14 4.78 18.46
C ASN A 43 -26.91 3.71 17.40
N ASN A 44 -25.98 3.93 16.48
CA ASN A 44 -25.63 2.90 15.50
C ASN A 44 -24.56 1.97 16.06
N SER A 45 -23.63 2.53 16.80
CA SER A 45 -22.56 1.80 17.42
C SER A 45 -23.14 0.77 18.36
N ILE A 46 -24.08 1.22 19.19
CA ILE A 46 -24.78 0.37 20.15
C ILE A 46 -25.52 -0.73 19.40
N GLU A 47 -26.20 -0.37 18.31
CA GLU A 47 -26.91 -1.36 17.51
C GLU A 47 -25.95 -2.40 16.95
N LYS A 48 -24.78 -1.96 16.47
CA LYS A 48 -23.82 -2.86 15.86
C LYS A 48 -23.17 -3.77 16.89
N SER A 49 -22.92 -3.27 18.10
CA SER A 49 -22.48 -4.15 19.17
C SER A 49 -23.53 -5.21 19.46
N GLY A 50 -24.81 -4.84 19.37
CA GLY A 50 -25.90 -5.78 19.56
C GLY A 50 -25.92 -6.91 18.55
N TRP A 51 -25.22 -6.77 17.43
CA TRP A 51 -25.23 -7.82 16.42
C TRP A 51 -24.21 -8.90 16.81
N ALA A 52 -24.71 -9.89 17.57
CA ALA A 52 -23.84 -10.92 18.12
C ALA A 52 -23.04 -11.63 17.02
N ALA A 53 -23.74 -12.10 15.97
CA ALA A 53 -23.07 -12.88 14.93
C ALA A 53 -21.99 -12.08 14.23
N ILE A 54 -22.21 -10.78 14.04
CA ILE A 54 -21.23 -9.97 13.31
C ILE A 54 -19.99 -9.74 14.14
N GLN A 55 -20.14 -9.43 15.43
CA GLN A 55 -18.96 -9.14 16.25
C GLN A 55 -18.08 -10.37 16.41
N ALA A 56 -18.67 -11.53 16.69
CA ALA A 56 -17.89 -12.75 16.75
C ALA A 56 -17.16 -12.98 15.43
N TYR A 57 -17.86 -12.82 14.32
CA TYR A 57 -17.23 -12.92 13.01
C TYR A 57 -16.10 -11.90 12.85
N HIS A 58 -16.28 -10.70 13.39
CA HIS A 58 -15.20 -9.72 13.32
C HIS A 58 -14.02 -10.17 14.17
N SER A 59 -14.27 -10.66 15.37
CA SER A 59 -13.16 -11.10 16.22
C SER A 59 -12.57 -12.42 15.74
N ALA A 60 -13.33 -13.20 14.98
CA ALA A 60 -12.77 -14.43 14.43
C ALA A 60 -11.77 -14.12 13.33
N VAL A 61 -12.14 -13.23 12.41
CA VAL A 61 -11.23 -12.82 11.33
C VAL A 61 -10.06 -12.02 11.90
N SER A 62 -10.36 -11.02 12.73
CA SER A 62 -9.31 -10.16 13.26
C SER A 62 -8.21 -10.95 13.97
N SER A 63 -8.56 -12.10 14.53
CA SER A 63 -7.61 -12.90 15.30
C SER A 63 -6.75 -13.79 14.41
N ALA A 64 -7.39 -14.52 13.50
CA ALA A 64 -6.66 -15.34 12.53
C ALA A 64 -5.52 -14.57 11.88
N PHE A 65 -5.82 -13.39 11.33
CA PHE A 65 -4.87 -12.63 10.52
C PHE A 65 -4.15 -11.55 11.29
N SER A 66 -4.04 -11.71 12.61
CA SER A 66 -3.35 -10.72 13.43
C SER A 66 -1.87 -10.60 13.09
N LEU A 67 -1.27 -11.63 12.51
CA LEU A 67 0.15 -11.62 12.23
C LEU A 67 0.48 -11.07 10.86
N ALA A 68 -0.38 -11.27 9.86
CA ALA A 68 -0.08 -10.89 8.49
C ALA A 68 -0.39 -9.43 8.19
N MET A 69 -1.35 -8.85 8.90
CA MET A 69 -1.83 -7.50 8.60
C MET A 69 -1.87 -6.65 9.87
N SER A 70 -1.84 -5.34 9.66
CA SER A 70 -2.04 -4.39 10.73
C SER A 70 -3.53 -4.31 11.09
N ARG A 71 -3.81 -3.92 12.34
CA ARG A 71 -5.19 -3.86 12.78
C ARG A 71 -5.96 -2.78 12.04
N THR A 72 -5.26 -1.73 11.56
CA THR A 72 -5.90 -0.74 10.70
C THR A 72 -6.50 -1.40 9.47
N SER A 73 -5.71 -2.20 8.76
CA SER A 73 -6.19 -2.81 7.52
C SER A 73 -7.17 -3.95 7.77
N ILE A 74 -7.10 -4.58 8.94
CA ILE A 74 -8.08 -5.62 9.25
C ILE A 74 -9.46 -5.01 9.42
N ASN A 75 -9.56 -3.91 10.20
CA ASN A 75 -10.83 -3.20 10.31
C ASN A 75 -11.31 -2.71 8.95
N GLY A 76 -10.38 -2.23 8.11
CA GLY A 76 -10.74 -1.84 6.76
C GLY A 76 -11.11 -3.01 5.87
N LEU A 77 -10.52 -4.19 6.14
CA LEU A 77 -10.93 -5.41 5.44
C LEU A 77 -12.40 -5.69 5.69
N LEU A 78 -12.86 -5.54 6.93
CA LEU A 78 -14.19 -5.91 7.36
C LEU A 78 -15.17 -4.75 7.38
N GLY A 79 -14.74 -3.54 7.07
CA GLY A 79 -15.63 -2.40 7.18
C GLY A 79 -16.02 -2.05 8.59
N ARG A 80 -15.37 -2.67 9.58
CA ARG A 80 -15.65 -2.43 10.98
C ARG A 80 -14.82 -1.26 11.48
N GLY A 81 -15.04 -0.88 12.74
CA GLY A 81 -14.19 0.10 13.38
C GLY A 81 -14.29 1.50 12.85
N SER A 82 -15.39 1.86 12.19
CA SER A 82 -15.56 3.23 11.72
C SER A 82 -15.47 4.20 12.88
N MET A 83 -15.07 5.43 12.59
CA MET A 83 -14.77 6.39 13.65
C MET A 83 -15.50 7.70 13.39
N PHE A 84 -15.36 8.63 14.33
CA PHE A 84 -16.15 9.85 14.37
C PHE A 84 -15.36 10.93 15.09
N VAL A 85 -15.28 12.12 14.48
CA VAL A 85 -14.60 13.26 15.08
C VAL A 85 -15.54 14.45 15.27
N PHE A 86 -16.42 14.69 14.31
CA PHE A 86 -17.36 15.78 14.43
C PHE A 86 -18.57 15.48 13.57
N SER A 87 -19.65 16.15 13.88
CA SER A 87 -20.87 16.10 13.10
C SER A 87 -20.83 17.15 12.00
N PRO A 88 -21.66 16.99 10.97
CA PRO A 88 -21.81 18.08 9.99
C PRO A 88 -21.99 19.44 10.65
N ASP A 89 -22.90 19.54 11.62
CA ASP A 89 -23.14 20.82 12.27
C ASP A 89 -21.94 21.28 13.09
N GLN A 90 -21.27 20.35 13.79
CA GLN A 90 -20.10 20.73 14.57
C GLN A 90 -18.98 21.20 13.67
N PHE A 91 -18.72 20.46 12.60
CA PHE A 91 -17.73 20.84 11.60
C PHE A 91 -18.00 22.25 11.07
N GLN A 92 -19.20 22.48 10.57
CA GLN A 92 -19.56 23.81 10.09
C GLN A 92 -19.42 24.87 11.19
N ARG A 93 -19.64 24.49 12.44
CA ARG A 93 -19.48 25.46 13.54
C ARG A 93 -18.02 25.75 13.87
N LEU A 94 -17.08 24.92 13.41
CA LEU A 94 -15.68 25.17 13.68
C LEU A 94 -14.98 25.90 12.53
N LEU A 95 -15.19 25.46 11.29
CA LEU A 95 -14.72 26.20 10.13
C LEU A 95 -15.56 27.44 9.84
N LYS A 96 -16.69 27.61 10.55
CA LYS A 96 -17.57 28.76 10.41
C LYS A 96 -18.00 28.95 8.95
N ILE A 97 -18.93 28.07 8.54
CA ILE A 97 -19.41 28.00 7.17
C ILE A 97 -20.86 27.56 7.20
N ASN A 98 -21.60 27.87 6.12
CA ASN A 98 -23.00 27.48 6.04
C ASN A 98 -23.13 25.99 5.79
N PRO A 99 -24.30 25.42 6.05
CA PRO A 99 -24.57 24.06 5.55
C PRO A 99 -24.45 23.94 4.03
N ASP A 100 -24.57 25.04 3.29
CA ASP A 100 -24.46 24.96 1.83
C ASP A 100 -23.12 25.50 1.31
N TRP A 101 -22.21 25.85 2.20
CA TRP A 101 -20.85 26.26 1.82
C TRP A 101 -20.20 25.21 0.92
N LYS A 102 -19.28 25.67 0.09
CA LYS A 102 -18.77 24.88 -1.01
C LYS A 102 -17.49 25.52 -1.53
N THR A 103 -16.50 24.69 -1.82
CA THR A 103 -15.29 25.15 -2.48
C THR A 103 -14.80 24.02 -3.40
N HIS A 104 -13.59 24.17 -3.92
CA HIS A 104 -13.12 23.27 -4.98
C HIS A 104 -12.60 21.95 -4.42
N ARG A 105 -11.54 21.98 -3.61
CA ARG A 105 -10.72 20.80 -3.37
C ARG A 105 -10.46 20.55 -1.90
N LEU A 106 -10.71 19.32 -1.46
CA LEU A 106 -10.33 18.86 -0.13
C LEU A 106 -9.26 17.78 -0.24
N LEU A 107 -8.38 17.73 0.76
CA LEU A 107 -7.39 16.67 0.87
C LEU A 107 -7.34 16.16 2.30
N ASP A 108 -7.70 14.89 2.44
CA ASP A 108 -7.70 14.15 3.69
C ASP A 108 -6.47 13.30 3.79
N LEU A 109 -5.49 13.69 4.58
CA LEU A 109 -4.30 12.86 4.70
C LEU A 109 -4.54 11.78 5.72
N GLY A 110 -4.16 10.54 5.39
CA GLY A 110 -4.47 9.40 6.24
C GLY A 110 -5.94 9.32 6.56
N ALA A 111 -6.76 9.18 5.51
CA ALA A 111 -8.21 9.30 5.63
C ALA A 111 -8.85 8.12 6.35
N GLY A 112 -8.11 7.06 6.67
CA GLY A 112 -8.74 5.93 7.32
C GLY A 112 -9.78 5.28 6.44
N ASP A 113 -10.92 4.92 7.04
CA ASP A 113 -11.94 4.18 6.30
C ASP A 113 -12.90 5.10 5.55
N GLY A 114 -12.84 6.42 5.79
CA GLY A 114 -13.53 7.40 4.98
C GLY A 114 -14.80 7.96 5.59
N GLU A 115 -15.31 7.39 6.67
CA GLU A 115 -16.56 7.89 7.23
C GLU A 115 -16.39 9.21 7.96
N VAL A 116 -15.16 9.57 8.35
CA VAL A 116 -14.95 10.91 8.88
C VAL A 116 -14.79 11.91 7.75
N THR A 117 -14.23 11.48 6.61
CA THR A 117 -14.18 12.36 5.45
C THR A 117 -15.58 12.54 4.89
N LYS A 118 -16.39 11.50 4.93
CA LYS A 118 -17.75 11.54 4.40
C LYS A 118 -18.60 12.64 5.04
N ILE A 119 -18.16 13.18 6.19
CA ILE A 119 -18.86 14.31 6.80
C ILE A 119 -18.45 15.61 6.13
N MET A 120 -17.16 15.84 6.00
CA MET A 120 -16.62 17.00 5.28
C MET A 120 -16.99 17.01 3.82
N SER A 121 -17.28 15.84 3.23
CA SER A 121 -17.36 15.68 1.77
C SER A 121 -18.24 16.71 1.06
N PRO A 122 -19.47 17.02 1.51
CA PRO A 122 -20.38 17.75 0.61
C PRO A 122 -20.06 19.23 0.53
N HIS A 123 -18.93 19.64 1.08
CA HIS A 123 -18.47 21.01 0.99
C HIS A 123 -17.39 21.19 -0.08
N PHE A 124 -17.05 20.15 -0.82
CA PHE A 124 -16.01 20.22 -1.85
C PHE A 124 -16.47 19.39 -3.03
N GLU A 125 -16.23 19.87 -4.24
CA GLU A 125 -16.61 19.11 -5.42
C GLU A 125 -15.52 18.14 -5.86
N GLU A 126 -14.33 18.23 -5.28
CA GLU A 126 -13.25 17.28 -5.51
C GLU A 126 -12.66 16.91 -4.15
N ILE A 127 -12.43 15.61 -3.95
CA ILE A 127 -12.01 15.07 -2.66
C ILE A 127 -10.81 14.17 -2.88
N TYR A 128 -9.72 14.47 -2.21
CA TYR A 128 -8.49 13.69 -2.32
C TYR A 128 -8.14 13.08 -0.97
N ALA A 129 -7.50 11.90 -1.00
CA ALA A 129 -7.14 11.19 0.21
C ALA A 129 -5.80 10.49 0.01
N THR A 130 -4.99 10.44 1.07
CA THR A 130 -3.87 9.51 1.12
C THR A 130 -4.08 8.54 2.28
N GLU A 131 -3.48 7.35 2.15
CA GLU A 131 -3.68 6.31 3.15
C GLU A 131 -2.64 5.23 2.98
N LEU A 132 -2.01 4.83 4.08
CA LEU A 132 -0.98 3.81 4.08
C LEU A 132 -1.52 2.38 3.97
N SER A 133 -2.81 2.16 4.17
CA SER A 133 -3.38 0.83 4.29
C SER A 133 -4.15 0.44 3.04
N GLU A 134 -3.89 -0.76 2.53
CA GLU A 134 -4.46 -1.15 1.25
C GLU A 134 -5.97 -1.38 1.31
N THR A 135 -6.50 -1.81 2.46
CA THR A 135 -7.94 -2.04 2.54
C THR A 135 -8.70 -0.74 2.79
N MET A 136 -8.14 0.15 3.59
CA MET A 136 -8.71 1.50 3.71
C MET A 136 -8.80 2.16 2.35
N ILE A 137 -7.69 2.21 1.61
CA ILE A 137 -7.64 2.84 0.28
C ILE A 137 -8.78 2.36 -0.61
N TRP A 138 -9.16 1.08 -0.49
CA TRP A 138 -10.28 0.60 -1.28
C TRP A 138 -11.58 1.24 -0.84
N GLN A 139 -11.82 1.26 0.48
CA GLN A 139 -13.06 1.84 0.99
C GLN A 139 -13.10 3.33 0.70
N LEU A 140 -11.95 3.99 0.67
CA LEU A 140 -11.87 5.37 0.20
C LEU A 140 -12.26 5.46 -1.27
N GLN A 141 -11.73 4.55 -2.10
CA GLN A 141 -12.17 4.52 -3.48
C GLN A 141 -13.64 4.17 -3.59
N LYS A 142 -14.16 3.33 -2.67
CA LYS A 142 -15.57 2.95 -2.73
C LYS A 142 -16.50 4.15 -2.65
N LYS A 143 -16.06 5.22 -1.99
CA LYS A 143 -16.82 6.44 -1.83
C LYS A 143 -16.57 7.45 -2.96
N LYS A 144 -15.91 7.03 -4.04
CA LYS A 144 -15.58 7.86 -5.19
C LYS A 144 -14.51 8.91 -4.87
N TYR A 145 -13.63 8.60 -3.92
CA TYR A 145 -12.56 9.51 -3.51
C TYR A 145 -11.29 9.20 -4.31
N ARG A 146 -10.59 10.26 -4.71
CA ARG A 146 -9.36 10.14 -5.48
C ARG A 146 -8.21 9.96 -4.50
N VAL A 147 -7.69 8.74 -4.40
CA VAL A 147 -6.61 8.46 -3.46
C VAL A 147 -5.28 8.73 -4.15
N LEU A 148 -4.42 9.47 -3.48
CA LEU A 148 -3.13 9.90 -4.01
C LEU A 148 -2.02 9.12 -3.32
N GLY A 149 -0.81 9.25 -3.84
CA GLY A 149 0.33 8.64 -3.21
C GLY A 149 0.69 9.36 -1.93
N ILE A 150 1.14 8.59 -0.94
CA ILE A 150 1.51 9.13 0.36
C ILE A 150 2.47 10.31 0.20
N ASN A 151 3.39 10.22 -0.78
CA ASN A 151 4.34 11.27 -1.09
C ASN A 151 4.09 11.88 -2.48
N GLU A 152 2.83 11.90 -2.89
CA GLU A 152 2.43 12.36 -4.21
C GLU A 152 1.48 13.55 -4.19
N TRP A 153 0.83 13.83 -3.06
CA TRP A 153 -0.13 14.93 -3.00
C TRP A 153 0.56 16.29 -3.03
N GLN A 154 1.87 16.34 -2.77
CA GLN A 154 2.57 17.61 -2.76
C GLN A 154 2.85 18.12 -4.17
N ASN A 155 2.94 17.23 -5.15
CA ASN A 155 3.41 17.57 -6.49
C ASN A 155 2.31 17.43 -7.53
N THR A 156 1.07 17.75 -7.14
CA THR A 156 -0.06 17.49 -8.01
C THR A 156 -0.12 18.47 -9.18
N GLY A 157 0.19 19.74 -8.93
CA GLY A 157 -0.08 20.79 -9.87
C GLY A 157 -1.26 21.66 -9.50
N PHE A 158 -1.89 21.41 -8.35
CA PHE A 158 -3.01 22.21 -7.88
C PHE A 158 -2.96 22.29 -6.37
N GLN A 159 -3.39 23.42 -5.85
CA GLN A 159 -3.46 23.68 -4.41
C GLN A 159 -4.76 23.11 -3.84
N TYR A 160 -4.85 23.07 -2.51
CA TYR A 160 -5.97 22.46 -1.81
C TYR A 160 -6.68 23.49 -0.94
N ASP A 161 -7.99 23.63 -1.13
CA ASP A 161 -8.74 24.66 -0.43
C ASP A 161 -8.83 24.38 1.05
N VAL A 162 -9.04 23.11 1.42
CA VAL A 162 -9.00 22.65 2.80
C VAL A 162 -8.23 21.34 2.82
N ILE A 163 -7.18 21.28 3.63
CA ILE A 163 -6.38 20.08 3.80
C ILE A 163 -6.74 19.49 5.16
N SER A 164 -7.26 18.27 5.15
CA SER A 164 -7.69 17.59 6.36
C SER A 164 -6.63 16.60 6.82
N CYS A 165 -6.38 16.60 8.13
CA CYS A 165 -5.29 15.84 8.72
C CYS A 165 -5.68 15.43 10.14
N LEU A 166 -6.70 14.58 10.26
CA LEU A 166 -7.30 14.28 11.54
C LEU A 166 -6.71 13.00 12.12
N ASN A 167 -6.12 13.11 13.30
CA ASN A 167 -5.65 11.96 14.09
C ASN A 167 -4.54 11.18 13.39
N LEU A 168 -3.70 11.89 12.64
CA LEU A 168 -2.55 11.31 11.95
C LEU A 168 -1.21 11.71 12.56
N LEU A 169 -1.09 12.91 13.13
CA LEU A 169 0.20 13.36 13.62
C LEU A 169 0.75 12.48 14.73
N ASP A 170 -0.10 11.71 15.40
CA ASP A 170 0.35 10.72 16.37
C ASP A 170 0.45 9.31 15.78
N ARG A 171 0.39 9.17 14.45
CA ARG A 171 0.48 7.87 13.81
C ARG A 171 1.38 7.84 12.58
N CYS A 172 2.00 8.96 12.20
CA CYS A 172 2.87 8.98 11.04
C CYS A 172 4.33 9.07 11.48
N ASP A 173 5.21 8.96 10.49
CA ASP A 173 6.66 8.89 10.70
C ASP A 173 7.30 10.27 10.82
N GLN A 174 6.92 11.21 9.95
CA GLN A 174 7.52 12.53 9.93
C GLN A 174 6.42 13.58 9.98
N PRO A 175 5.88 13.86 11.17
CA PRO A 175 4.75 14.78 11.26
C PRO A 175 5.13 16.23 11.00
N LEU A 176 6.37 16.62 11.32
CA LEU A 176 6.81 17.97 11.01
C LEU A 176 6.92 18.17 9.51
N THR A 177 7.61 17.25 8.81
CA THR A 177 7.65 17.31 7.35
C THR A 177 6.25 17.32 6.78
N LEU A 178 5.31 16.62 7.41
CA LEU A 178 3.94 16.62 6.94
C LEU A 178 3.34 18.03 7.07
N LEU A 179 3.41 18.60 8.26
CA LEU A 179 2.87 19.95 8.49
C LEU A 179 3.45 20.94 7.49
N LYS A 180 4.78 21.00 7.38
CA LYS A 180 5.39 21.88 6.40
C LYS A 180 4.92 21.54 4.98
N ASP A 181 4.65 20.26 4.70
CA ASP A 181 4.12 19.89 3.39
C ASP A 181 2.70 20.45 3.20
N ILE A 182 1.81 20.29 4.19
CA ILE A 182 0.46 20.83 4.05
C ILE A 182 0.51 22.31 3.69
N ARG A 183 1.38 23.06 4.38
CA ARG A 183 1.40 24.50 4.12
C ARG A 183 1.83 24.80 2.69
N SER A 184 2.75 24.02 2.14
CA SER A 184 3.33 24.33 0.84
C SER A 184 2.32 24.22 -0.29
N VAL A 185 1.29 23.38 -0.13
CA VAL A 185 0.33 23.12 -1.20
C VAL A 185 -1.08 23.58 -0.83
N LEU A 186 -1.23 24.28 0.28
CA LEU A 186 -2.53 24.80 0.70
C LEU A 186 -2.80 26.15 0.05
N GLU A 187 -4.01 26.32 -0.49
CA GLU A 187 -4.42 27.58 -1.11
C GLU A 187 -4.18 28.77 -0.18
N PRO A 188 -3.26 29.67 -0.55
CA PRO A 188 -2.79 30.67 0.43
C PRO A 188 -3.83 31.71 0.85
N THR A 189 -4.77 32.10 -0.01
CA THR A 189 -5.69 33.17 0.36
C THR A 189 -6.72 32.69 1.37
N ARG A 190 -7.65 31.83 0.94
CA ARG A 190 -8.76 31.40 1.77
C ARG A 190 -8.59 29.98 2.34
N GLY A 191 -7.41 29.40 2.26
CA GLY A 191 -7.24 27.99 2.60
C GLY A 191 -7.01 27.75 4.08
N ARG A 192 -7.57 26.66 4.57
CA ARG A 192 -7.42 26.29 5.98
C ARG A 192 -7.17 24.79 6.10
N VAL A 193 -6.52 24.41 7.19
CA VAL A 193 -6.35 23.00 7.51
C VAL A 193 -7.16 22.71 8.77
N ILE A 194 -7.82 21.56 8.79
CA ILE A 194 -8.52 21.08 9.97
C ILE A 194 -7.75 19.88 10.48
N LEU A 195 -7.38 19.94 11.76
CA LEU A 195 -6.34 19.09 12.32
C LEU A 195 -6.83 18.51 13.63
N ALA A 196 -6.67 17.20 13.81
CA ALA A 196 -7.17 16.53 15.00
C ALA A 196 -6.04 15.78 15.66
N LEU A 197 -5.92 15.94 16.98
CA LEU A 197 -4.88 15.31 17.77
C LEU A 197 -5.54 14.63 18.98
N VAL A 198 -5.15 13.37 19.23
CA VAL A 198 -5.54 12.74 20.49
C VAL A 198 -4.57 13.15 21.57
N LEU A 199 -5.11 13.47 22.76
CA LEU A 199 -4.29 13.83 23.90
C LEU A 199 -4.81 13.11 25.14
N PRO A 200 -3.87 12.61 25.99
CA PRO A 200 -2.40 12.71 26.15
C PRO A 200 -1.57 12.26 24.96
N PHE A 201 -0.82 13.20 24.38
CA PHE A 201 -0.11 12.90 23.17
C PHE A 201 0.82 11.76 23.44
N HIS A 202 0.67 10.74 22.63
CA HIS A 202 1.43 9.53 22.74
C HIS A 202 1.42 8.96 21.36
N PRO A 203 2.43 9.34 20.58
CA PRO A 203 2.64 8.91 19.19
C PRO A 203 3.45 7.62 19.08
N TYR A 204 3.16 6.89 18.01
CA TYR A 204 3.90 5.70 17.62
C TYR A 204 3.54 5.42 16.16
N VAL A 205 4.40 4.69 15.47
CA VAL A 205 4.18 4.34 14.07
C VAL A 205 3.79 2.88 14.01
N GLU A 206 2.64 2.60 13.40
CA GLU A 206 2.09 1.26 13.40
C GLU A 206 2.82 0.38 12.41
N ASN A 207 3.13 -0.85 12.84
CA ASN A 207 3.67 -1.89 11.99
C ASN A 207 2.64 -3.00 11.88
N VAL A 208 3.08 -4.17 11.42
CA VAL A 208 2.22 -5.35 11.26
C VAL A 208 2.55 -6.34 12.37
N GLY A 209 1.53 -7.03 12.86
CA GLY A 209 1.69 -8.01 13.90
C GLY A 209 1.66 -7.46 15.31
N GLY A 210 1.50 -6.14 15.46
CA GLY A 210 1.51 -5.49 16.74
C GLY A 210 2.76 -4.69 17.01
N LYS A 211 3.84 -4.95 16.29
CA LYS A 211 5.06 -4.17 16.45
C LYS A 211 4.78 -2.70 16.16
N TRP A 212 5.55 -1.82 16.80
CA TRP A 212 5.36 -0.38 16.59
C TRP A 212 6.70 0.31 16.73
N GLU A 213 7.24 0.76 15.60
CA GLU A 213 8.41 1.63 15.63
C GLU A 213 8.04 3.00 16.19
N LYS A 214 9.05 3.78 16.56
CA LYS A 214 8.88 5.15 17.00
C LYS A 214 8.98 6.09 15.80
N PRO A 215 8.46 7.32 15.94
CA PRO A 215 8.52 8.26 14.82
C PRO A 215 9.90 8.87 14.64
N SER A 216 10.27 9.10 13.37
CA SER A 216 11.54 9.72 13.01
C SER A 216 11.56 11.22 13.27
N GLU A 217 10.49 11.81 13.81
CA GLU A 217 10.47 13.22 14.19
C GLU A 217 9.61 13.39 15.43
N ILE A 218 10.11 14.18 16.37
CA ILE A 218 9.47 14.37 17.67
C ILE A 218 8.75 15.71 17.70
N LEU A 219 7.51 15.68 18.18
CA LEU A 219 6.74 16.89 18.46
C LEU A 219 6.80 17.18 19.95
N GLU A 220 6.71 18.46 20.29
CA GLU A 220 6.70 18.86 21.70
C GLU A 220 5.26 19.21 22.11
N ILE A 221 4.44 18.17 22.20
CA ILE A 221 3.07 18.28 22.69
C ILE A 221 3.12 17.65 24.09
N LYS A 222 3.41 18.49 25.08
CA LYS A 222 3.74 18.01 26.42
C LYS A 222 2.95 18.80 27.45
N GLY A 223 2.54 18.12 28.51
CA GLY A 223 1.72 18.75 29.52
C GLY A 223 1.10 17.70 30.43
N GLN A 224 0.44 18.19 31.48
CA GLN A 224 -0.16 17.33 32.49
C GLN A 224 -1.67 17.17 32.32
N ASN A 225 -2.30 17.96 31.47
CA ASN A 225 -3.72 17.79 31.19
C ASN A 225 -4.00 18.25 29.76
N TRP A 226 -5.29 18.23 29.40
CA TRP A 226 -5.69 18.65 28.06
C TRP A 226 -5.36 20.13 27.84
N GLU A 227 -5.73 20.98 28.80
CA GLU A 227 -5.47 22.40 28.69
C GLU A 227 -3.98 22.71 28.62
N GLU A 228 -3.12 21.80 29.05
CA GLU A 228 -1.68 22.04 29.03
C GLU A 228 -1.06 21.69 27.67
N GLN A 229 -1.38 20.52 27.14
CA GLN A 229 -0.81 20.12 25.86
C GLN A 229 -1.33 20.97 24.71
N VAL A 230 -2.58 21.43 24.78
CA VAL A 230 -3.09 22.31 23.73
C VAL A 230 -2.28 23.60 23.68
N ASN A 231 -1.91 24.12 24.84
CA ASN A 231 -1.08 25.33 24.87
C ASN A 231 0.30 25.09 24.28
N SER A 232 0.74 23.84 24.19
CA SER A 232 2.00 23.51 23.55
C SER A 232 1.95 23.69 22.04
N LEU A 233 0.76 23.80 21.47
CA LEU A 233 0.58 23.69 20.02
C LEU A 233 0.70 25.01 19.28
N PRO A 234 0.28 26.16 19.84
CA PRO A 234 0.60 27.43 19.17
C PRO A 234 2.06 27.56 18.78
N GLU A 235 2.99 27.32 19.71
CA GLU A 235 4.41 27.39 19.38
C GLU A 235 4.79 26.33 18.35
N VAL A 236 4.17 25.15 18.42
CA VAL A 236 4.39 24.14 17.40
C VAL A 236 3.85 24.61 16.06
N PHE A 237 2.55 24.89 15.99
CA PHE A 237 1.93 25.28 14.73
C PHE A 237 2.60 26.50 14.13
N ARG A 238 3.03 27.44 14.98
CA ARG A 238 3.79 28.59 14.49
C ARG A 238 5.01 28.16 13.71
N LYS A 239 5.68 27.09 14.17
CA LYS A 239 6.92 26.68 13.55
C LYS A 239 6.73 26.16 12.13
N ALA A 240 5.53 25.70 11.79
CA ALA A 240 5.23 25.18 10.45
C ALA A 240 4.43 26.14 9.59
N GLY A 241 4.24 27.39 10.03
CA GLY A 241 3.60 28.39 9.19
C GLY A 241 2.10 28.56 9.37
N PHE A 242 1.56 28.22 10.54
CA PHE A 242 0.13 28.32 10.79
C PHE A 242 -0.09 29.02 12.13
N VAL A 243 -1.23 29.72 12.26
CA VAL A 243 -1.73 30.12 13.56
C VAL A 243 -3.14 29.56 13.70
N ILE A 244 -3.56 29.34 14.95
CA ILE A 244 -4.83 28.69 15.22
C ILE A 244 -5.94 29.71 15.08
N GLU A 245 -6.78 29.55 14.05
CA GLU A 245 -7.92 30.45 13.83
C GLU A 245 -9.11 30.10 14.72
N ALA A 246 -9.26 28.83 15.07
CA ALA A 246 -10.22 28.34 16.06
C ALA A 246 -9.82 26.93 16.43
N PHE A 247 -10.43 26.43 17.50
CA PHE A 247 -10.20 25.06 17.95
C PHE A 247 -11.26 24.69 18.97
N THR A 248 -11.36 23.39 19.27
CA THR A 248 -12.41 22.90 20.15
C THR A 248 -12.03 21.52 20.68
N ARG A 249 -12.71 21.11 21.74
CA ARG A 249 -12.55 19.78 22.33
C ARG A 249 -13.69 18.89 21.87
N LEU A 250 -13.34 17.76 21.26
CA LEU A 250 -14.33 16.80 20.79
C LEU A 250 -13.93 15.39 21.22
N PRO A 251 -14.91 14.52 21.46
CA PRO A 251 -14.59 13.13 21.80
C PRO A 251 -14.36 12.33 20.53
N TYR A 252 -13.16 11.77 20.40
CA TYR A 252 -12.82 10.85 19.32
C TYR A 252 -13.50 9.51 19.59
N LEU A 253 -14.47 9.16 18.77
CA LEU A 253 -15.34 8.02 19.03
C LEU A 253 -15.17 6.96 17.96
N CYS A 254 -15.42 5.71 18.33
CA CYS A 254 -15.19 4.55 17.48
C CYS A 254 -16.20 3.46 17.81
N GLU A 255 -16.66 2.75 16.77
CA GLU A 255 -17.59 1.64 16.93
C GLU A 255 -17.02 0.60 17.89
N GLY A 256 -17.90 -0.27 18.39
CA GLY A 256 -17.56 -1.18 19.45
C GLY A 256 -17.26 -2.59 18.98
N ASP A 257 -16.98 -3.45 19.96
CA ASP A 257 -16.94 -4.88 19.75
C ASP A 257 -17.89 -5.55 20.73
N MET A 258 -17.56 -6.78 21.11
CA MET A 258 -18.41 -7.54 22.02
C MET A 258 -18.35 -7.06 23.46
N TYR A 259 -17.37 -6.23 23.80
CA TYR A 259 -17.13 -5.83 25.19
C TYR A 259 -17.73 -4.46 25.50
N ASN A 260 -17.51 -3.47 24.63
CA ASN A 260 -18.02 -2.13 24.84
C ASN A 260 -18.77 -1.67 23.59
N ASP A 261 -19.86 -0.93 23.81
CA ASP A 261 -20.68 -0.47 22.69
C ASP A 261 -19.94 0.55 21.82
N TYR A 262 -18.98 1.27 22.39
CA TYR A 262 -18.12 2.17 21.65
C TYR A 262 -16.89 2.48 22.49
N TYR A 263 -15.98 3.28 21.92
CA TYR A 263 -14.74 3.64 22.58
C TYR A 263 -14.48 5.12 22.39
N VAL A 264 -13.84 5.74 23.36
CA VAL A 264 -13.72 7.20 23.43
C VAL A 264 -12.27 7.59 23.70
N LEU A 265 -11.68 8.35 22.79
CA LEU A 265 -10.42 9.04 23.02
C LEU A 265 -10.66 10.56 22.97
N ASP A 266 -9.67 11.29 23.49
CA ASP A 266 -9.78 12.72 23.77
C ASP A 266 -9.14 13.51 22.64
N ASP A 267 -9.97 14.12 21.79
CA ASP A 267 -9.53 14.78 20.57
C ASP A 267 -9.55 16.30 20.70
N ALA A 268 -8.46 16.94 20.31
CA ALA A 268 -8.44 18.38 20.07
C ALA A 268 -8.50 18.61 18.57
N VAL A 269 -9.45 19.42 18.14
CA VAL A 269 -9.60 19.78 16.73
C VAL A 269 -9.26 21.25 16.59
N PHE A 270 -8.45 21.59 15.59
CA PHE A 270 -8.07 22.96 15.34
C PHE A 270 -8.43 23.35 13.91
N VAL A 271 -8.62 24.65 13.70
CA VAL A 271 -8.58 25.23 12.36
C VAL A 271 -7.36 26.14 12.30
N LEU A 272 -6.45 25.86 11.37
CA LEU A 272 -5.22 26.64 11.23
C LEU A 272 -5.23 27.40 9.92
N LYS A 273 -4.83 28.67 9.97
CA LYS A 273 -4.71 29.53 8.81
C LYS A 273 -3.23 29.71 8.48
N PRO A 274 -2.87 29.79 7.20
CA PRO A 274 -1.46 30.03 6.85
C PRO A 274 -0.99 31.36 7.42
N VAL A 275 0.26 31.38 7.88
CA VAL A 275 0.83 32.59 8.44
C VAL A 275 1.91 33.07 7.50
N GLN B 12 4.26 -28.13 -26.56
CA GLN B 12 5.21 -28.04 -25.45
C GLN B 12 5.40 -26.58 -25.01
N TRP B 13 5.79 -26.41 -23.72
CA TRP B 13 5.97 -25.10 -23.13
C TRP B 13 7.29 -24.44 -23.51
N TYR B 14 8.23 -25.20 -24.06
CA TYR B 14 9.61 -24.75 -24.18
C TYR B 14 10.06 -24.51 -25.62
N VAL B 15 9.32 -25.03 -26.60
CA VAL B 15 9.71 -24.87 -28.00
C VAL B 15 9.44 -23.43 -28.42
N CYS B 16 10.37 -22.86 -29.18
CA CYS B 16 10.14 -21.60 -29.87
C CYS B 16 10.53 -21.76 -31.33
N ASN B 17 9.72 -21.18 -32.21
CA ASN B 17 9.99 -21.22 -33.63
C ASN B 17 11.24 -20.38 -33.90
N ARG B 18 12.40 -21.03 -33.95
CA ARG B 18 13.66 -20.29 -34.10
C ARG B 18 13.73 -19.57 -35.44
N GLU B 19 13.06 -20.10 -36.46
CA GLU B 19 13.16 -19.50 -37.79
C GLU B 19 12.59 -18.09 -37.81
N LYS B 20 11.51 -17.84 -37.07
CA LYS B 20 10.91 -16.51 -37.01
C LYS B 20 11.72 -15.53 -36.17
N LEU B 21 12.66 -16.01 -35.35
CA LEU B 21 13.41 -15.12 -34.48
C LEU B 21 14.41 -14.27 -35.27
N CYS B 22 14.64 -13.05 -34.79
CA CYS B 22 15.65 -12.20 -35.39
C CYS B 22 17.05 -12.72 -35.04
N GLU B 23 17.98 -12.56 -35.98
CA GLU B 23 19.31 -13.18 -35.85
C GLU B 23 20.02 -12.73 -34.59
N SER B 24 19.81 -11.49 -34.16
CA SER B 24 20.40 -11.04 -32.90
C SER B 24 20.01 -11.97 -31.75
N LEU B 25 18.76 -12.44 -31.74
CA LEU B 25 18.26 -13.30 -30.68
C LEU B 25 18.57 -14.77 -30.90
N GLN B 26 18.67 -15.22 -32.15
CA GLN B 26 19.12 -16.58 -32.42
C GLN B 26 20.52 -16.83 -31.86
N ALA B 27 21.37 -15.80 -31.86
CA ALA B 27 22.76 -15.95 -31.41
C ALA B 27 22.88 -16.28 -29.93
N VAL B 28 21.89 -15.90 -29.11
CA VAL B 28 22.05 -16.03 -27.67
C VAL B 28 20.84 -16.72 -27.05
N PHE B 29 20.04 -17.39 -27.88
CA PHE B 29 18.89 -18.14 -27.40
C PHE B 29 19.34 -19.39 -26.67
N VAL B 30 19.12 -19.43 -25.37
CA VAL B 30 19.33 -20.63 -24.57
C VAL B 30 18.07 -21.50 -24.67
N GLN B 31 18.27 -22.81 -24.83
CA GLN B 31 17.18 -23.76 -24.92
C GLN B 31 16.96 -24.40 -23.57
N SER B 32 15.74 -24.28 -23.06
CA SER B 32 15.36 -24.78 -21.75
C SER B 32 14.40 -25.95 -21.91
N TYR B 33 14.18 -26.66 -20.81
CA TYR B 33 13.38 -27.89 -20.84
C TYR B 33 12.78 -28.13 -19.47
N LEU B 34 11.86 -29.09 -19.41
CA LEU B 34 11.28 -29.46 -18.13
C LEU B 34 12.33 -30.17 -17.29
N ASP B 35 13.16 -29.43 -16.59
CA ASP B 35 14.25 -30.02 -15.82
C ASP B 35 13.72 -30.54 -14.48
N GLN B 36 14.64 -30.95 -13.62
CA GLN B 36 14.29 -31.41 -12.28
C GLN B 36 13.51 -30.34 -11.54
N GLY B 37 14.15 -29.20 -11.25
CA GLY B 37 13.53 -28.18 -10.43
C GLY B 37 12.09 -27.84 -10.81
N THR B 38 11.80 -27.83 -12.11
CA THR B 38 10.42 -27.61 -12.55
C THR B 38 9.52 -28.71 -12.05
N GLN B 39 10.03 -29.95 -12.04
CA GLN B 39 9.20 -31.10 -11.65
C GLN B 39 8.86 -31.08 -10.17
N ILE B 40 9.83 -30.80 -9.29
CA ILE B 40 9.52 -30.49 -7.89
C ILE B 40 8.30 -29.59 -7.76
N PHE B 41 8.33 -28.43 -8.42
CA PHE B 41 7.24 -27.47 -8.28
C PHE B 41 5.92 -28.09 -8.73
N LEU B 42 5.88 -28.60 -9.96
CA LEU B 42 4.68 -29.26 -10.48
C LEU B 42 4.16 -30.31 -9.51
N ASN B 43 5.05 -31.19 -9.03
CA ASN B 43 4.67 -32.22 -8.06
C ASN B 43 4.01 -31.60 -6.83
N ASN B 44 4.67 -30.61 -6.23
CA ASN B 44 4.13 -29.98 -5.04
C ASN B 44 2.82 -29.25 -5.33
N SER B 45 2.67 -28.72 -6.54
CA SER B 45 1.41 -28.08 -6.89
C SER B 45 0.30 -29.11 -7.07
N ILE B 46 0.66 -30.36 -7.37
CA ILE B 46 -0.34 -31.44 -7.41
C ILE B 46 -0.62 -31.96 -6.02
N GLU B 47 0.39 -31.95 -5.15
CA GLU B 47 0.19 -32.39 -3.78
C GLU B 47 -0.76 -31.46 -3.03
N LYS B 48 -0.47 -30.16 -3.04
CA LYS B 48 -1.33 -29.20 -2.36
C LYS B 48 -2.74 -29.18 -2.93
N SER B 49 -2.88 -29.37 -4.24
CA SER B 49 -4.20 -29.46 -4.85
C SER B 49 -4.86 -30.82 -4.62
N GLY B 50 -4.43 -31.54 -3.58
CA GLY B 50 -5.11 -32.72 -3.13
C GLY B 50 -5.55 -32.57 -1.69
N TRP B 51 -4.99 -31.58 -1.00
CA TRP B 51 -5.35 -31.30 0.38
C TRP B 51 -6.73 -30.64 0.42
N ALA B 52 -7.78 -31.46 0.52
CA ALA B 52 -9.15 -30.98 0.35
C ALA B 52 -9.49 -29.89 1.35
N ALA B 53 -9.09 -30.06 2.61
CA ALA B 53 -9.43 -29.07 3.63
C ALA B 53 -8.75 -27.73 3.34
N ILE B 54 -7.50 -27.76 2.89
CA ILE B 54 -6.81 -26.51 2.60
C ILE B 54 -7.43 -25.83 1.38
N GLN B 55 -7.66 -26.58 0.30
CA GLN B 55 -8.19 -25.99 -0.92
C GLN B 55 -9.56 -25.35 -0.72
N ALA B 56 -10.31 -25.78 0.30
CA ALA B 56 -11.62 -25.20 0.63
C ALA B 56 -11.52 -23.95 1.49
N TYR B 57 -10.50 -23.87 2.33
CA TYR B 57 -10.30 -22.68 3.16
C TYR B 57 -9.66 -21.55 2.35
N HIS B 58 -8.80 -21.90 1.38
CA HIS B 58 -8.37 -20.89 0.42
C HIS B 58 -9.54 -20.37 -0.40
N SER B 59 -10.40 -21.28 -0.88
CA SER B 59 -11.59 -20.88 -1.62
C SER B 59 -12.48 -19.99 -0.80
N ALA B 60 -12.57 -20.25 0.51
CA ALA B 60 -13.47 -19.50 1.37
C ALA B 60 -12.92 -18.11 1.66
N VAL B 61 -11.67 -18.03 2.13
CA VAL B 61 -11.10 -16.75 2.49
C VAL B 61 -11.12 -15.79 1.30
N SER B 62 -10.66 -16.28 0.13
CA SER B 62 -10.52 -15.40 -1.02
C SER B 62 -11.88 -14.88 -1.50
N SER B 63 -12.90 -15.74 -1.49
CA SER B 63 -14.21 -15.30 -1.98
C SER B 63 -14.86 -14.30 -1.03
N ALA B 64 -14.61 -14.43 0.28
CA ALA B 64 -15.20 -13.46 1.21
C ALA B 64 -14.49 -12.11 1.11
N PHE B 65 -13.18 -12.13 0.87
CA PHE B 65 -12.39 -10.90 0.86
C PHE B 65 -12.07 -10.40 -0.55
N SER B 66 -12.62 -11.04 -1.59
CA SER B 66 -12.25 -10.69 -2.95
C SER B 66 -12.59 -9.26 -3.31
N LEU B 67 -13.60 -8.68 -2.66
CA LEU B 67 -14.02 -7.32 -2.95
C LEU B 67 -13.46 -6.31 -1.96
N ALA B 68 -12.50 -6.71 -1.14
CA ALA B 68 -11.84 -5.82 -0.22
C ALA B 68 -10.33 -5.94 -0.23
N MET B 69 -9.77 -6.92 -0.94
CA MET B 69 -8.34 -6.98 -1.23
C MET B 69 -8.16 -7.39 -2.68
N SER B 70 -6.96 -7.11 -3.21
CA SER B 70 -6.59 -7.66 -4.50
C SER B 70 -6.18 -9.13 -4.33
N ARG B 71 -6.36 -9.91 -5.41
CA ARG B 71 -5.99 -11.32 -5.41
C ARG B 71 -4.57 -11.50 -4.88
N THR B 72 -3.63 -10.75 -5.43
CA THR B 72 -2.25 -10.77 -4.96
C THR B 72 -2.16 -10.66 -3.44
N SER B 73 -2.89 -9.71 -2.85
CA SER B 73 -2.85 -9.55 -1.41
C SER B 73 -3.51 -10.74 -0.71
N ILE B 74 -4.57 -11.28 -1.31
CA ILE B 74 -5.22 -12.46 -0.74
C ILE B 74 -4.32 -13.68 -0.86
N ASN B 75 -3.72 -13.87 -2.03
CA ASN B 75 -2.75 -14.95 -2.20
C ASN B 75 -1.62 -14.85 -1.18
N GLY B 76 -1.14 -13.64 -0.92
CA GLY B 76 -0.09 -13.46 0.06
C GLY B 76 -0.53 -13.47 1.51
N LEU B 77 -1.84 -13.49 1.75
CA LEU B 77 -2.35 -13.65 3.11
C LEU B 77 -2.38 -15.11 3.53
N LEU B 78 -2.58 -16.01 2.57
CA LEU B 78 -2.67 -17.43 2.85
C LEU B 78 -1.39 -18.17 2.53
N GLY B 79 -0.40 -17.50 1.97
CA GLY B 79 0.76 -18.19 1.42
C GLY B 79 0.41 -19.06 0.24
N ARG B 80 -0.65 -18.71 -0.50
CA ARG B 80 -1.11 -19.52 -1.61
C ARG B 80 -0.68 -18.87 -2.92
N GLY B 81 -1.12 -19.48 -4.02
CA GLY B 81 -0.81 -19.03 -5.37
C GLY B 81 0.66 -18.85 -5.66
N SER B 82 1.54 -19.62 -5.03
CA SER B 82 2.96 -19.49 -5.26
C SER B 82 3.30 -19.86 -6.70
N MET B 83 4.33 -19.21 -7.23
CA MET B 83 4.60 -19.26 -8.65
C MET B 83 6.04 -19.68 -8.86
N PHE B 84 6.33 -20.12 -10.09
CA PHE B 84 7.62 -20.69 -10.46
C PHE B 84 8.03 -20.11 -11.80
N VAL B 85 9.29 -19.68 -11.92
CA VAL B 85 9.82 -19.14 -13.16
C VAL B 85 10.98 -19.97 -13.69
N PHE B 86 11.97 -20.23 -12.84
CA PHE B 86 13.09 -21.04 -13.27
C PHE B 86 13.62 -21.89 -12.11
N SER B 87 14.14 -23.06 -12.45
CA SER B 87 14.86 -23.88 -11.49
C SER B 87 16.19 -23.20 -11.14
N PRO B 88 16.78 -23.54 -9.99
CA PRO B 88 18.17 -23.12 -9.77
C PRO B 88 19.09 -23.49 -10.92
N ASP B 89 19.05 -24.73 -11.39
CA ASP B 89 19.87 -25.13 -12.53
C ASP B 89 19.58 -24.25 -13.75
N GLN B 90 18.31 -24.05 -14.09
CA GLN B 90 17.97 -23.20 -15.22
C GLN B 90 18.50 -21.78 -15.02
N PHE B 91 18.32 -21.25 -13.80
CA PHE B 91 18.77 -19.90 -13.49
C PHE B 91 20.26 -19.73 -13.75
N GLN B 92 21.08 -20.64 -13.22
CA GLN B 92 22.52 -20.47 -13.33
C GLN B 92 23.01 -20.65 -14.77
N ARG B 93 22.29 -21.43 -15.57
CA ARG B 93 22.71 -21.63 -16.95
C ARG B 93 22.40 -20.39 -17.79
N LEU B 94 21.24 -19.78 -17.53
CA LEU B 94 20.89 -18.53 -18.18
C LEU B 94 21.91 -17.45 -17.89
N LEU B 95 22.28 -17.29 -16.61
CA LEU B 95 23.34 -16.37 -16.23
C LEU B 95 24.71 -16.81 -16.72
N LYS B 96 24.88 -18.09 -17.08
CA LYS B 96 26.17 -18.66 -17.43
C LYS B 96 27.16 -18.55 -16.26
N ILE B 97 26.79 -19.20 -15.16
CA ILE B 97 27.60 -19.20 -13.94
C ILE B 97 27.74 -20.58 -13.27
N ASN B 98 28.43 -20.59 -12.15
CA ASN B 98 28.71 -21.80 -11.36
C ASN B 98 27.71 -21.97 -10.21
N PRO B 99 27.36 -23.22 -9.87
CA PRO B 99 26.39 -23.43 -8.77
C PRO B 99 26.84 -22.87 -7.43
N ASP B 100 28.13 -22.60 -7.24
CA ASP B 100 28.63 -21.98 -6.03
C ASP B 100 29.04 -20.53 -6.24
N TRP B 101 28.83 -20.00 -7.44
CA TRP B 101 29.09 -18.60 -7.72
C TRP B 101 28.32 -17.71 -6.76
N LYS B 102 28.82 -16.48 -6.58
CA LYS B 102 28.31 -15.63 -5.51
C LYS B 102 28.65 -14.18 -5.80
N THR B 103 27.78 -13.28 -5.34
CA THR B 103 28.00 -11.83 -5.42
C THR B 103 27.34 -11.19 -4.19
N HIS B 104 27.34 -9.85 -4.17
CA HIS B 104 26.95 -9.11 -2.96
C HIS B 104 25.45 -8.86 -2.91
N ARG B 105 24.90 -8.17 -3.91
CA ARG B 105 23.54 -7.64 -3.84
C ARG B 105 22.68 -8.17 -4.97
N LEU B 106 21.55 -8.76 -4.61
CA LEU B 106 20.43 -8.97 -5.51
C LEU B 106 19.31 -7.98 -5.18
N LEU B 107 18.56 -7.60 -6.21
CA LEU B 107 17.30 -6.87 -6.01
C LEU B 107 16.22 -7.54 -6.83
N ASP B 108 15.16 -8.01 -6.17
CA ASP B 108 13.99 -8.55 -6.86
C ASP B 108 12.86 -7.53 -6.73
N LEU B 109 12.52 -6.88 -7.84
CA LEU B 109 11.54 -5.79 -7.83
C LEU B 109 10.14 -6.36 -8.02
N GLY B 110 9.26 -6.07 -7.09
CA GLY B 110 7.94 -6.67 -7.13
C GLY B 110 8.06 -8.16 -7.03
N ALA B 111 8.50 -8.63 -5.87
CA ALA B 111 8.97 -10.00 -5.70
C ALA B 111 7.87 -11.00 -5.38
N GLY B 112 6.63 -10.56 -5.29
CA GLY B 112 5.55 -11.46 -4.90
C GLY B 112 5.81 -12.01 -3.50
N ASP B 113 5.67 -13.32 -3.35
CA ASP B 113 5.86 -13.96 -2.04
C ASP B 113 7.30 -14.41 -1.82
N GLY B 114 8.22 -14.12 -2.74
CA GLY B 114 9.62 -14.44 -2.55
C GLY B 114 10.03 -15.84 -2.94
N GLU B 115 9.09 -16.70 -3.33
CA GLU B 115 9.46 -18.07 -3.72
C GLU B 115 10.35 -18.07 -4.96
N VAL B 116 10.02 -17.22 -5.95
CA VAL B 116 10.90 -17.04 -7.10
C VAL B 116 12.15 -16.26 -6.70
N THR B 117 12.12 -15.56 -5.57
CA THR B 117 13.33 -14.94 -5.06
C THR B 117 14.20 -15.91 -4.28
N LYS B 118 13.57 -16.89 -3.63
CA LYS B 118 14.32 -17.90 -2.86
C LYS B 118 15.28 -18.65 -3.76
N ILE B 119 14.80 -19.12 -4.92
CA ILE B 119 15.59 -19.93 -5.83
C ILE B 119 16.84 -19.20 -6.33
N MET B 120 16.89 -17.90 -6.12
CA MET B 120 18.03 -17.08 -6.51
C MET B 120 18.94 -16.75 -5.33
N SER B 121 18.44 -16.92 -4.10
CA SER B 121 19.10 -16.33 -2.94
C SER B 121 20.48 -16.88 -2.63
N PRO B 122 20.79 -18.20 -2.80
CA PRO B 122 22.11 -18.69 -2.37
C PRO B 122 23.29 -18.12 -3.16
N HIS B 123 23.00 -17.31 -4.17
CA HIS B 123 24.02 -16.70 -5.01
C HIS B 123 24.35 -15.28 -4.61
N PHE B 124 23.73 -14.75 -3.55
CA PHE B 124 23.96 -13.37 -3.16
C PHE B 124 24.08 -13.26 -1.64
N GLU B 125 24.93 -12.35 -1.19
CA GLU B 125 25.14 -12.16 0.24
C GLU B 125 23.99 -11.38 0.89
N GLU B 126 23.55 -10.28 0.26
CA GLU B 126 22.44 -9.47 0.73
C GLU B 126 21.29 -9.50 -0.28
N ILE B 127 20.06 -9.45 0.23
CA ILE B 127 18.86 -9.58 -0.61
C ILE B 127 17.92 -8.40 -0.34
N TYR B 128 17.57 -7.67 -1.40
CA TYR B 128 16.61 -6.60 -1.33
C TYR B 128 15.45 -6.88 -2.26
N ALA B 129 14.30 -6.29 -1.95
CA ALA B 129 13.10 -6.48 -2.74
C ALA B 129 12.11 -5.37 -2.45
N THR B 130 11.20 -5.15 -3.39
CA THR B 130 10.14 -4.17 -3.29
C THR B 130 8.82 -4.87 -3.61
N GLU B 131 7.71 -4.25 -3.20
CA GLU B 131 6.40 -4.85 -3.42
C GLU B 131 5.31 -3.85 -3.04
N LEU B 132 4.17 -3.94 -3.73
CA LEU B 132 2.99 -3.16 -3.41
C LEU B 132 2.11 -3.84 -2.36
N SER B 133 1.79 -5.11 -2.56
CA SER B 133 0.93 -5.82 -1.63
C SER B 133 1.58 -5.91 -0.25
N GLU B 134 0.85 -5.45 0.77
CA GLU B 134 1.42 -5.39 2.10
C GLU B 134 1.38 -6.72 2.83
N THR B 135 0.58 -7.68 2.37
CA THR B 135 0.77 -9.04 2.89
C THR B 135 1.92 -9.73 2.18
N MET B 136 2.18 -9.37 0.92
CA MET B 136 3.35 -9.91 0.23
C MET B 136 4.65 -9.32 0.79
N ILE B 137 4.64 -8.05 1.19
CA ILE B 137 5.77 -7.50 1.92
C ILE B 137 6.01 -8.30 3.21
N TRP B 138 4.94 -8.76 3.84
CA TRP B 138 5.07 -9.53 5.08
C TRP B 138 5.81 -10.84 4.83
N GLN B 139 5.42 -11.58 3.80
CA GLN B 139 6.09 -12.84 3.54
C GLN B 139 7.52 -12.62 3.03
N LEU B 140 7.73 -11.58 2.22
CA LEU B 140 9.10 -11.21 1.87
C LEU B 140 9.93 -10.89 3.10
N GLN B 141 9.30 -10.35 4.14
CA GLN B 141 10.00 -10.11 5.40
C GLN B 141 10.06 -11.35 6.27
N LYS B 142 9.15 -12.31 6.08
CA LYS B 142 9.24 -13.56 6.84
C LYS B 142 10.45 -14.36 6.41
N LYS B 143 10.93 -14.16 5.19
CA LYS B 143 12.11 -14.81 4.66
C LYS B 143 13.39 -14.08 5.02
N LYS B 144 13.30 -13.02 5.84
CA LYS B 144 14.43 -12.22 6.29
C LYS B 144 15.07 -11.40 5.16
N TYR B 145 14.32 -11.11 4.10
CA TYR B 145 14.77 -10.19 3.07
C TYR B 145 14.65 -8.74 3.57
N ARG B 146 15.35 -7.84 2.89
CA ARG B 146 15.28 -6.42 3.19
C ARG B 146 14.34 -5.75 2.20
N VAL B 147 13.26 -5.17 2.70
CA VAL B 147 12.25 -4.53 1.85
C VAL B 147 12.54 -3.04 1.76
N LEU B 148 12.46 -2.51 0.54
CA LEU B 148 12.58 -1.09 0.27
C LEU B 148 11.30 -0.58 -0.35
N GLY B 149 11.08 0.73 -0.23
CA GLY B 149 9.92 1.35 -0.84
C GLY B 149 9.98 1.29 -2.35
N ILE B 150 8.85 1.66 -2.96
CA ILE B 150 8.76 1.67 -4.42
C ILE B 150 9.71 2.72 -5.03
N ASN B 151 10.04 3.77 -4.29
CA ASN B 151 10.94 4.82 -4.79
C ASN B 151 12.20 4.95 -3.94
N GLU B 152 12.50 3.96 -3.11
CA GLU B 152 13.66 4.06 -2.22
C GLU B 152 14.88 3.35 -2.78
N TRP B 153 14.69 2.36 -3.67
CA TRP B 153 15.78 1.57 -4.22
C TRP B 153 16.56 2.27 -5.33
N GLN B 154 16.14 3.45 -5.75
CA GLN B 154 16.85 4.16 -6.80
C GLN B 154 17.77 5.27 -6.29
N ASN B 155 18.10 5.25 -5.01
CA ASN B 155 18.99 6.25 -4.43
C ASN B 155 20.43 6.15 -4.94
N GLN B 159 23.58 0.69 -5.24
CA GLN B 159 24.31 -0.18 -6.18
C GLN B 159 23.97 -1.65 -5.91
N TYR B 160 23.43 -2.31 -6.93
CA TYR B 160 22.99 -3.70 -6.84
C TYR B 160 23.73 -4.54 -7.88
N ASP B 161 24.26 -5.68 -7.44
CA ASP B 161 25.06 -6.51 -8.33
C ASP B 161 24.21 -7.29 -9.32
N VAL B 162 23.00 -7.69 -8.94
CA VAL B 162 22.03 -8.24 -9.87
C VAL B 162 20.67 -7.68 -9.49
N ILE B 163 19.88 -7.28 -10.49
CA ILE B 163 18.54 -6.75 -10.29
C ILE B 163 17.55 -7.64 -11.04
N SER B 164 16.51 -8.09 -10.32
CA SER B 164 15.52 -9.03 -10.84
C SER B 164 14.20 -8.30 -11.07
N CYS B 165 13.60 -8.50 -12.25
CA CYS B 165 12.32 -7.85 -12.60
C CYS B 165 11.44 -8.87 -13.31
N LEU B 166 10.78 -9.73 -12.55
CA LEU B 166 10.15 -10.92 -13.11
C LEU B 166 8.64 -10.73 -13.15
N ASN B 167 8.11 -10.60 -14.37
CA ASN B 167 6.67 -10.45 -14.60
C ASN B 167 6.10 -9.25 -13.85
N LEU B 168 6.84 -8.15 -13.88
CA LEU B 168 6.42 -6.89 -13.30
C LEU B 168 6.10 -5.82 -14.33
N LEU B 169 6.81 -5.82 -15.46
CA LEU B 169 6.61 -4.85 -16.53
C LEU B 169 5.20 -4.90 -17.13
N ASP B 170 4.42 -5.93 -16.85
CA ASP B 170 3.01 -5.93 -17.26
C ASP B 170 2.07 -5.76 -16.07
N ARG B 171 2.60 -5.40 -14.90
CA ARG B 171 1.80 -5.18 -13.71
C ARG B 171 2.15 -3.86 -13.01
N CYS B 172 2.90 -2.98 -13.66
CA CYS B 172 3.33 -1.72 -13.06
C CYS B 172 2.99 -0.56 -14.00
N ASP B 173 2.91 0.64 -13.39
CA ASP B 173 2.41 1.83 -14.06
C ASP B 173 3.46 2.47 -14.96
N GLN B 174 4.73 2.49 -14.53
CA GLN B 174 5.81 3.18 -15.23
C GLN B 174 6.88 2.16 -15.61
N PRO B 175 6.68 1.41 -16.70
CA PRO B 175 7.69 0.39 -17.05
C PRO B 175 8.99 0.98 -17.61
N LEU B 176 8.90 1.95 -18.52
CA LEU B 176 10.12 2.54 -19.08
C LEU B 176 10.93 3.24 -17.99
N THR B 177 10.25 3.91 -17.05
CA THR B 177 10.93 4.49 -15.91
C THR B 177 11.63 3.41 -15.09
N LEU B 178 10.92 2.31 -14.84
CA LEU B 178 11.52 1.15 -14.17
C LEU B 178 12.81 0.73 -14.85
N LEU B 179 12.77 0.54 -16.17
CA LEU B 179 13.96 0.04 -16.86
C LEU B 179 15.09 1.07 -16.83
N LYS B 180 14.75 2.36 -16.95
CA LYS B 180 15.77 3.40 -16.78
C LYS B 180 16.21 3.49 -15.33
N ASP B 181 15.30 3.26 -14.39
CA ASP B 181 15.71 3.22 -12.98
C ASP B 181 16.60 2.02 -12.70
N ILE B 182 16.34 0.90 -13.36
CA ILE B 182 17.13 -0.30 -13.13
C ILE B 182 18.58 -0.05 -13.55
N ARG B 183 18.77 0.47 -14.77
CA ARG B 183 20.11 0.82 -15.23
C ARG B 183 20.79 1.82 -14.31
N SER B 184 20.01 2.60 -13.56
CA SER B 184 20.58 3.63 -12.70
C SER B 184 21.45 3.03 -11.60
N VAL B 185 21.00 1.94 -10.96
CA VAL B 185 21.67 1.42 -9.77
C VAL B 185 22.23 0.02 -9.99
N LEU B 186 22.42 -0.40 -11.23
CA LEU B 186 22.99 -1.71 -11.52
C LEU B 186 24.50 -1.58 -11.66
N GLU B 187 25.25 -2.47 -11.03
CA GLU B 187 26.70 -2.44 -11.11
C GLU B 187 27.06 -2.60 -12.57
N PRO B 188 27.97 -1.77 -13.06
CA PRO B 188 28.30 -1.77 -14.48
C PRO B 188 29.29 -2.79 -15.06
N THR B 189 30.37 -3.12 -14.37
CA THR B 189 31.38 -4.00 -14.99
C THR B 189 30.78 -5.37 -15.32
N ARG B 190 30.32 -6.10 -14.30
CA ARG B 190 29.80 -7.44 -14.50
C ARG B 190 28.31 -7.57 -14.19
N GLY B 191 27.76 -6.69 -13.36
CA GLY B 191 26.40 -6.87 -12.90
C GLY B 191 25.40 -7.00 -14.05
N ARG B 192 24.52 -8.00 -13.93
CA ARG B 192 23.51 -8.29 -14.93
C ARG B 192 22.13 -8.17 -14.31
N VAL B 193 21.11 -8.05 -15.16
CA VAL B 193 19.72 -8.09 -14.74
C VAL B 193 19.02 -9.25 -15.44
N ILE B 194 18.05 -9.84 -14.74
CA ILE B 194 17.26 -10.94 -15.26
C ILE B 194 15.79 -10.50 -15.27
N LEU B 195 15.12 -10.73 -16.39
CA LEU B 195 13.79 -10.17 -16.63
C LEU B 195 12.88 -11.22 -17.24
N ALA B 196 11.60 -11.19 -16.85
CA ALA B 196 10.61 -12.12 -17.40
C ALA B 196 9.34 -11.36 -17.76
N LEU B 197 8.61 -11.90 -18.72
CA LEU B 197 7.54 -11.15 -19.38
C LEU B 197 6.55 -12.12 -20.00
N VAL B 198 5.31 -12.13 -19.50
CA VAL B 198 4.30 -13.00 -20.07
C VAL B 198 3.91 -12.49 -21.45
N LEU B 199 3.75 -13.42 -22.40
CA LEU B 199 3.46 -13.10 -23.79
C LEU B 199 2.36 -13.99 -24.31
N PRO B 200 1.49 -13.49 -25.19
CA PRO B 200 1.38 -12.11 -25.72
C PRO B 200 1.14 -11.03 -24.66
N PHE B 201 1.69 -9.84 -24.93
CA PHE B 201 1.71 -8.77 -23.95
C PHE B 201 0.30 -8.25 -23.66
N HIS B 202 -0.04 -8.15 -22.37
CA HIS B 202 -1.31 -7.58 -21.93
C HIS B 202 -1.09 -6.94 -20.58
N PRO B 203 -0.79 -5.64 -20.56
CA PRO B 203 -0.50 -4.96 -19.28
C PRO B 203 -1.73 -4.36 -18.64
N TYR B 204 -1.69 -4.31 -17.30
CA TYR B 204 -2.69 -3.61 -16.51
C TYR B 204 -2.10 -3.37 -15.13
N VAL B 205 -2.73 -2.48 -14.38
CA VAL B 205 -2.34 -2.15 -13.02
C VAL B 205 -3.43 -2.71 -12.10
N GLU B 206 -3.17 -3.87 -11.51
CA GLU B 206 -4.18 -4.52 -10.68
C GLU B 206 -4.57 -3.63 -9.51
N ASN B 207 -5.86 -3.65 -9.17
CA ASN B 207 -6.39 -2.90 -8.04
C ASN B 207 -7.27 -3.84 -7.21
N VAL B 208 -7.80 -3.30 -6.11
CA VAL B 208 -8.63 -4.09 -5.21
C VAL B 208 -9.98 -4.35 -5.86
N GLY B 209 -10.46 -5.58 -5.75
CA GLY B 209 -11.76 -5.95 -6.24
C GLY B 209 -11.81 -6.41 -7.68
N GLY B 210 -10.68 -6.75 -8.28
CA GLY B 210 -10.64 -7.15 -9.66
C GLY B 210 -10.60 -6.00 -10.65
N LYS B 211 -11.03 -4.81 -10.25
CA LYS B 211 -10.86 -3.63 -11.08
C LYS B 211 -9.37 -3.32 -11.25
N TRP B 212 -9.05 -2.52 -12.26
CA TRP B 212 -7.65 -2.28 -12.58
C TRP B 212 -7.52 -0.96 -13.32
N GLU B 213 -6.34 -0.36 -13.17
CA GLU B 213 -5.98 0.83 -13.93
C GLU B 213 -5.12 0.44 -15.14
N LYS B 214 -5.18 1.26 -16.18
CA LYS B 214 -4.27 1.07 -17.29
C LYS B 214 -2.92 1.71 -16.98
N PRO B 215 -1.82 1.15 -17.49
CA PRO B 215 -0.51 1.73 -17.21
C PRO B 215 -0.40 3.15 -17.76
N SER B 216 0.55 3.91 -17.21
CA SER B 216 0.79 5.26 -17.68
C SER B 216 1.72 5.29 -18.89
N GLU B 217 2.84 4.57 -18.82
CA GLU B 217 3.75 4.48 -19.94
C GLU B 217 3.46 3.22 -20.75
N ILE B 218 3.63 3.33 -22.07
CA ILE B 218 3.29 2.26 -22.99
C ILE B 218 4.58 1.67 -23.55
N LEU B 219 4.68 0.33 -23.49
CA LEU B 219 5.83 -0.40 -23.99
C LEU B 219 5.43 -1.09 -25.29
N GLU B 220 6.10 -0.73 -26.38
CA GLU B 220 5.66 -1.11 -27.71
C GLU B 220 6.08 -2.55 -28.00
N ILE B 221 5.10 -3.45 -28.03
CA ILE B 221 5.34 -4.87 -28.26
C ILE B 221 4.60 -5.25 -29.54
N LYS B 222 5.33 -5.26 -30.66
CA LYS B 222 4.74 -5.61 -31.94
C LYS B 222 4.44 -7.10 -32.04
N GLY B 223 3.28 -7.45 -32.57
CA GLY B 223 3.02 -8.79 -33.04
C GLY B 223 1.85 -9.46 -32.32
N GLN B 224 1.54 -10.67 -32.79
CA GLN B 224 0.47 -11.51 -32.30
C GLN B 224 0.97 -12.84 -31.76
N ASN B 225 2.29 -13.05 -31.73
CA ASN B 225 2.89 -14.34 -31.44
C ASN B 225 4.06 -14.14 -30.50
N TRP B 226 4.39 -15.19 -29.75
CA TRP B 226 5.60 -15.15 -28.92
C TRP B 226 6.81 -14.79 -29.77
N GLU B 227 6.88 -15.32 -30.98
CA GLU B 227 8.06 -15.16 -31.82
C GLU B 227 8.25 -13.71 -32.23
N GLU B 228 7.30 -13.14 -32.98
CA GLU B 228 7.46 -11.77 -33.42
C GLU B 228 7.55 -10.80 -32.24
N GLN B 229 6.84 -11.09 -31.14
CA GLN B 229 6.80 -10.15 -30.04
C GLN B 229 8.17 -10.00 -29.38
N VAL B 230 8.90 -11.10 -29.20
CA VAL B 230 10.24 -10.95 -28.61
C VAL B 230 11.18 -10.22 -29.57
N ASN B 231 10.91 -10.30 -30.88
CA ASN B 231 11.74 -9.58 -31.85
C ASN B 231 11.63 -8.07 -31.69
N SER B 232 10.62 -7.59 -30.99
CA SER B 232 10.41 -6.16 -30.75
C SER B 232 11.09 -5.66 -29.49
N LEU B 233 11.61 -6.54 -28.64
CA LEU B 233 12.19 -6.09 -27.38
C LEU B 233 13.64 -5.61 -27.48
N PRO B 234 14.49 -6.12 -28.39
CA PRO B 234 15.80 -5.46 -28.56
C PRO B 234 15.69 -3.98 -28.82
N GLU B 235 14.65 -3.56 -29.55
CA GLU B 235 14.43 -2.13 -29.78
C GLU B 235 14.22 -1.37 -28.47
N VAL B 236 13.77 -2.08 -27.44
CA VAL B 236 13.37 -1.48 -26.18
C VAL B 236 14.49 -1.52 -25.15
N PHE B 237 15.20 -2.64 -25.07
CA PHE B 237 16.18 -2.82 -24.00
C PHE B 237 17.35 -1.85 -24.14
N ARG B 238 17.66 -1.38 -25.35
CA ARG B 238 18.71 -0.39 -25.49
C ARG B 238 18.17 1.04 -25.38
N LYS B 239 16.86 1.25 -25.56
CA LYS B 239 16.28 2.55 -25.24
C LYS B 239 16.42 2.89 -23.76
N ALA B 240 16.68 1.89 -22.91
CA ALA B 240 17.04 2.12 -21.52
C ALA B 240 18.50 1.80 -21.20
N GLY B 241 19.18 1.04 -22.05
CA GLY B 241 20.62 0.86 -21.92
C GLY B 241 21.13 -0.56 -21.75
N PHE B 242 20.41 -1.54 -22.30
CA PHE B 242 20.75 -2.95 -22.13
C PHE B 242 20.79 -3.68 -23.46
N VAL B 243 21.59 -4.74 -23.52
CA VAL B 243 21.56 -5.67 -24.64
C VAL B 243 21.30 -7.06 -24.07
N ILE B 244 20.65 -7.90 -24.88
CA ILE B 244 20.32 -9.26 -24.47
C ILE B 244 21.57 -10.12 -24.60
N GLU B 245 22.15 -10.49 -23.45
CA GLU B 245 23.31 -11.37 -23.43
C GLU B 245 22.90 -12.84 -23.55
N ALA B 246 21.71 -13.19 -23.05
CA ALA B 246 21.16 -14.54 -23.18
C ALA B 246 19.65 -14.46 -22.92
N PHE B 247 18.92 -15.43 -23.46
CA PHE B 247 17.48 -15.47 -23.19
C PHE B 247 16.89 -16.80 -23.57
N THR B 248 15.83 -17.21 -22.84
CA THR B 248 15.16 -18.48 -23.05
C THR B 248 13.66 -18.31 -22.84
N ARG B 249 12.93 -19.40 -23.03
CA ARG B 249 11.48 -19.47 -22.86
C ARG B 249 11.16 -20.47 -21.75
N LEU B 250 10.30 -20.05 -20.82
CA LEU B 250 9.97 -20.89 -19.67
C LEU B 250 8.47 -20.93 -19.44
N PRO B 251 7.95 -22.00 -18.83
CA PRO B 251 6.55 -21.98 -18.41
C PRO B 251 6.39 -21.21 -17.11
N TYR B 252 5.51 -20.21 -17.13
CA TYR B 252 5.29 -19.36 -15.97
C TYR B 252 4.25 -20.05 -15.09
N LEU B 253 4.74 -20.90 -14.19
CA LEU B 253 3.93 -21.87 -13.47
C LEU B 253 3.33 -21.28 -12.20
N CYS B 254 2.10 -21.70 -11.88
CA CYS B 254 1.43 -21.23 -10.68
C CYS B 254 0.70 -22.36 -10.00
N GLU B 255 0.76 -22.39 -8.68
CA GLU B 255 0.04 -23.37 -7.88
C GLU B 255 -1.45 -23.35 -8.21
N GLY B 256 -2.01 -24.53 -8.44
CA GLY B 256 -3.41 -24.64 -8.77
C GLY B 256 -4.31 -24.54 -7.56
N ASP B 257 -5.56 -24.91 -7.76
CA ASP B 257 -6.56 -24.77 -6.71
C ASP B 257 -7.24 -26.11 -6.44
N MET B 258 -8.54 -26.19 -6.73
CA MET B 258 -9.30 -27.41 -6.60
C MET B 258 -9.85 -27.90 -7.93
N TYR B 259 -9.90 -27.03 -8.94
CA TYR B 259 -10.30 -27.42 -10.29
C TYR B 259 -9.14 -27.78 -11.19
N ASN B 260 -7.93 -27.27 -10.89
CA ASN B 260 -6.75 -27.57 -11.69
C ASN B 260 -5.54 -27.70 -10.77
N ASP B 261 -4.67 -28.66 -11.06
CA ASP B 261 -3.52 -28.92 -10.21
C ASP B 261 -2.48 -27.81 -10.29
N TYR B 262 -2.42 -27.10 -11.42
CA TYR B 262 -1.54 -25.95 -11.57
C TYR B 262 -2.04 -25.09 -12.73
N TYR B 263 -1.40 -23.92 -12.89
CA TYR B 263 -1.73 -22.97 -13.94
C TYR B 263 -0.46 -22.54 -14.64
N VAL B 264 -0.53 -22.45 -15.99
CA VAL B 264 0.65 -22.14 -16.78
C VAL B 264 0.42 -20.83 -17.54
N LEU B 265 1.53 -20.15 -17.83
CA LEU B 265 1.54 -19.02 -18.74
C LEU B 265 2.87 -19.05 -19.50
N ASP B 266 2.92 -18.31 -20.60
CA ASP B 266 4.03 -18.35 -21.56
C ASP B 266 5.01 -17.22 -21.27
N ASP B 267 6.15 -17.57 -20.69
CA ASP B 267 7.15 -16.58 -20.29
C ASP B 267 8.23 -16.41 -21.35
N ALA B 268 9.03 -15.37 -21.18
CA ALA B 268 10.28 -15.18 -21.95
C ALA B 268 11.25 -14.46 -21.05
N VAL B 269 12.38 -15.10 -20.73
CA VAL B 269 13.29 -14.61 -19.70
C VAL B 269 14.60 -14.18 -20.34
N PHE B 270 15.10 -13.02 -19.94
CA PHE B 270 16.27 -12.39 -20.55
C PHE B 270 17.35 -12.13 -19.51
N VAL B 271 18.60 -12.26 -19.92
CA VAL B 271 19.75 -11.86 -19.12
C VAL B 271 20.37 -10.65 -19.82
N LEU B 272 20.55 -9.56 -19.08
CA LEU B 272 20.91 -8.28 -19.66
C LEU B 272 22.18 -7.72 -19.03
N LYS B 273 23.06 -7.22 -19.89
CA LYS B 273 24.24 -6.49 -19.52
C LYS B 273 24.05 -4.99 -19.81
N PRO B 274 24.69 -4.12 -19.03
CA PRO B 274 24.73 -2.70 -19.40
C PRO B 274 25.74 -2.46 -20.51
N VAL B 275 25.32 -1.75 -21.55
CA VAL B 275 26.18 -1.48 -22.69
C VAL B 275 26.30 0.03 -22.88
N GLN C 3 -11.21 -6.29 22.05
CA GLN C 3 -10.32 -5.32 21.43
C GLN C 3 -10.50 -3.96 22.10
N GLY C 4 -10.11 -2.89 21.38
CA GLY C 4 -10.18 -1.54 21.91
C GLY C 4 -10.37 -0.54 20.79
N HIS C 5 -9.87 0.68 20.99
CA HIS C 5 -10.07 1.77 20.05
C HIS C 5 -9.25 1.57 18.78
N ALA C 6 -9.87 1.83 17.63
CA ALA C 6 -9.22 1.64 16.34
C ALA C 6 -8.11 2.66 16.07
N HIS C 7 -8.10 3.80 16.78
CA HIS C 7 -6.97 4.71 16.63
C HIS C 7 -5.67 4.03 17.01
N GLY C 8 -5.73 3.08 17.93
CA GLY C 8 -4.66 2.12 18.13
C GLY C 8 -4.13 2.11 19.56
N HIS C 9 -3.32 1.08 19.82
CA HIS C 9 -2.64 0.90 21.11
C HIS C 9 -1.53 -0.15 20.98
N GLN D 3 -11.27 -18.66 -10.06
CA GLN D 3 -9.88 -18.36 -9.75
C GLN D 3 -8.93 -19.01 -10.75
N GLY D 4 -7.65 -18.66 -10.66
CA GLY D 4 -6.63 -19.23 -11.52
C GLY D 4 -5.21 -18.74 -11.28
N HIS D 5 -4.53 -18.31 -12.35
CA HIS D 5 -3.16 -17.87 -12.23
C HIS D 5 -3.06 -16.62 -11.35
N ALA D 6 -2.08 -16.62 -10.46
CA ALA D 6 -1.91 -15.48 -9.54
C ALA D 6 -1.44 -14.22 -10.25
N HIS D 7 -0.85 -14.35 -11.46
CA HIS D 7 -0.33 -13.20 -12.17
C HIS D 7 -1.35 -12.53 -13.07
N GLY D 8 -2.20 -13.31 -13.74
CA GLY D 8 -3.16 -12.75 -14.67
C GLY D 8 -4.50 -12.48 -14.04
N SAH E . -8.02 9.72 9.82
CA SAH E . -8.83 8.71 10.52
CB SAH E . -7.95 7.58 11.03
CG SAH E . -6.87 8.02 12.02
SD SAH E . -5.84 6.64 12.58
C SAH E . -9.60 9.33 11.68
O SAH E . -9.44 10.51 12.03
OXT SAH E . -10.39 8.62 12.31
C5' SAH E . -4.50 7.14 11.48
C4' SAH E . -4.68 6.65 10.05
O4' SAH E . -3.70 7.29 9.25
C3' SAH E . -4.46 5.14 9.87
O3' SAH E . -5.55 4.59 9.17
C2' SAH E . -3.18 5.02 9.07
O2' SAH E . -3.28 4.08 8.03
C1' SAH E . -3.02 6.37 8.43
N9 SAH E . -1.61 6.73 8.32
C8 SAH E . -0.62 6.51 9.27
N7 SAH E . 0.55 6.99 8.79
C5 SAH E . 0.32 7.51 7.57
C6 SAH E . 1.16 8.13 6.67
N6 SAH E . 2.44 8.27 7.00
N1 SAH E . 0.66 8.59 5.47
C2 SAH E . -0.68 8.42 5.16
N3 SAH E . -1.51 7.80 6.07
C4 SAH E . -1.02 7.36 7.25
N SAH F . 8.19 -11.30 -9.22
CA SAH F . 7.08 -12.16 -8.83
CB SAH F . 5.77 -11.39 -8.73
CG SAH F . 5.20 -10.92 -10.06
SD SAH F . 3.38 -10.73 -10.04
C SAH F . 6.95 -13.31 -9.82
O SAH F . 7.59 -13.32 -10.88
OXT SAH F . 6.19 -14.26 -9.57
C5' SAH F . 3.47 -8.91 -10.08
C4' SAH F . 3.72 -8.34 -8.69
O4' SAH F . 4.28 -7.06 -8.80
C3' SAH F . 2.46 -8.18 -7.85
O3' SAH F . 2.63 -8.97 -6.70
C2' SAH F . 2.40 -6.72 -7.47
O2' SAH F . 2.15 -6.59 -6.09
C1' SAH F . 3.80 -6.22 -7.76
N9 SAH F . 3.90 -4.84 -8.25
C8 SAH F . 3.06 -4.19 -9.12
N7 SAH F . 3.54 -2.95 -9.33
C5 SAH F . 4.66 -2.79 -8.60
C6 SAH F . 5.55 -1.73 -8.45
N6 SAH F . 5.33 -0.57 -9.09
N1 SAH F . 6.66 -1.86 -7.63
C2 SAH F . 6.88 -3.05 -6.97
N3 SAH F . 5.99 -4.11 -7.12
C4 SAH F . 4.91 -3.97 -7.93
#